data_4ZTE
#
_entry.id   4ZTE
#
_cell.length_a   120.579
_cell.length_b   76.835
_cell.length_c   72.772
_cell.angle_alpha   90.00
_cell.angle_beta   111.14
_cell.angle_gamma   90.00
#
_symmetry.space_group_name_H-M   'C 1 2 1'
#
loop_
_entity.id
_entity.type
_entity.pdbx_description
1 polymer Cadherin-1
2 non-polymer 'CALCIUM ION'
3 non-polymer N-{[(2S,5S)-1-benzyl-5-(2-{[(2S,3S)-1-(tert-butylamino)-3-methyl-1-oxopentan-2-yl]amino}-2-oxoethyl)-3,6-dioxopiperazin-2-yl]methyl}-L-alpha-asparagine
4 water water
#
_entity_poly.entity_id   1
_entity_poly.type   'polypeptide(L)'
_entity_poly.pdbx_seq_one_letter_code
;VIPPISCPENEKGPFPKNLVQIKSNKDKEGKVFYSITGQGADTPPVGVFIIERETGWLKVTEPLDRERIATYTLFSHAVS
SNGNAVEDPMEILITVTDQNDNKPEFTQEVFKGSVMEGALPGTSVMEVTATDADDDVNTYNAAIAYTILSQDPELPDKNM
FTINRNTGVISVVTTGLDRESFPTYTLVVQAADLQGEGLSTTATAVITVTD
;
_entity_poly.pdbx_strand_id   A,B
#
loop_
_chem_comp.id
_chem_comp.type
_chem_comp.name
_chem_comp.formula
4RL non-polymer N-{[(2S,5S)-1-benzyl-5-(2-{[(2S,3S)-1-(tert-butylamino)-3-methyl-1-oxopentan-2-yl]amino}-2-oxoethyl)-3,6-dioxopiperazin-2-yl]methyl}-L-alpha-asparagine 'C28 H42 N6 O7'
CA non-polymer 'CALCIUM ION' 'Ca 2'
#
# COMPACT_ATOMS: atom_id res chain seq x y z
N ILE A 2 2.27 -28.55 -0.25
CA ILE A 2 1.46 -27.30 -0.30
C ILE A 2 2.36 -26.07 -0.25
N PRO A 3 2.64 -25.48 -1.41
CA PRO A 3 3.70 -24.48 -1.54
C PRO A 3 3.41 -23.23 -0.72
N PRO A 4 4.34 -22.26 -0.74
CA PRO A 4 4.27 -21.15 0.19
C PRO A 4 2.88 -20.53 0.24
N ILE A 5 2.36 -20.36 1.44
CA ILE A 5 1.19 -19.53 1.67
C ILE A 5 1.60 -18.06 1.78
N SER A 6 0.74 -17.18 1.28
CA SER A 6 1.07 -15.77 1.17
C SER A 6 -0.06 -14.94 1.78
N CYS A 7 0.28 -14.11 2.76
CA CYS A 7 -0.69 -13.25 3.41
C CYS A 7 -0.14 -11.84 3.52
N PRO A 8 -0.93 -10.83 3.14
CA PRO A 8 -0.53 -9.45 3.26
C PRO A 8 -0.58 -8.98 4.71
N GLU A 9 0.30 -8.04 5.07
CA GLU A 9 0.26 -7.42 6.38
C GLU A 9 -0.91 -6.47 6.48
N ASN A 10 -1.36 -6.23 7.71
CA ASN A 10 -2.28 -5.12 8.02
C ASN A 10 -3.70 -5.37 7.49
N GLU A 11 -4.10 -6.63 7.38
CA GLU A 11 -5.44 -6.94 6.89
C GLU A 11 -6.50 -6.52 7.89
N LYS A 12 -7.59 -5.97 7.40
CA LYS A 12 -8.78 -5.73 8.22
C LYS A 12 -9.42 -7.04 8.66
N GLY A 13 -10.14 -6.99 9.76
CA GLY A 13 -10.93 -8.13 10.21
C GLY A 13 -12.20 -8.25 9.39
N PRO A 14 -13.07 -9.19 9.76
CA PRO A 14 -12.96 -9.87 11.04
C PRO A 14 -11.94 -11.01 11.01
N PHE A 15 -11.50 -11.42 12.19
CA PHE A 15 -10.67 -12.61 12.33
C PHE A 15 -11.43 -13.65 13.16
N PRO A 16 -11.10 -14.92 12.97
CA PRO A 16 -9.94 -15.33 12.18
C PRO A 16 -10.27 -15.47 10.70
N LYS A 17 -9.28 -15.81 9.89
CA LYS A 17 -9.44 -15.87 8.44
C LYS A 17 -8.83 -17.16 7.91
N ASN A 18 -9.57 -17.82 7.02
CA ASN A 18 -9.11 -19.07 6.43
C ASN A 18 -7.95 -18.83 5.49
N LEU A 19 -6.91 -19.67 5.62
CA LEU A 19 -5.81 -19.64 4.67
C LEU A 19 -5.92 -20.81 3.71
N VAL A 20 -5.90 -22.01 4.25
CA VAL A 20 -5.87 -23.21 3.42
C VAL A 20 -6.22 -24.42 4.26
N GLN A 21 -6.78 -25.45 3.61
CA GLN A 21 -7.27 -26.63 4.33
C GLN A 21 -6.32 -27.80 4.17
N ILE A 22 -5.73 -28.23 5.28
CA ILE A 22 -4.81 -29.35 5.28
C ILE A 22 -5.58 -30.63 5.52
N LYS A 23 -5.21 -31.69 4.81
CA LYS A 23 -5.90 -32.97 4.91
C LYS A 23 -4.93 -34.13 4.75
N SER A 24 -5.26 -35.25 5.39
CA SER A 24 -4.43 -36.44 5.30
C SER A 24 -5.15 -37.54 4.52
N ASN A 25 -4.39 -38.24 3.68
CA ASN A 25 -4.89 -39.45 3.03
C ASN A 25 -5.46 -40.43 4.04
N LYS A 26 -4.81 -40.52 5.20
CA LYS A 26 -4.96 -41.65 6.08
C LYS A 26 -6.19 -41.49 6.96
N ASP A 27 -7.10 -40.61 6.53
CA ASP A 27 -8.31 -40.33 7.30
C ASP A 27 -9.47 -41.18 6.81
N LYS A 28 -9.37 -41.67 5.58
CA LYS A 28 -10.36 -42.56 5.02
C LYS A 28 -10.31 -43.92 5.72
N GLU A 29 -9.24 -44.16 6.47
CA GLU A 29 -9.21 -45.22 7.47
C GLU A 29 -10.08 -44.85 8.67
N GLY A 30 -9.84 -43.68 9.23
CA GLY A 30 -10.53 -43.26 10.45
C GLY A 30 -10.33 -41.79 10.74
N LYS A 31 -10.83 -41.33 11.88
CA LYS A 31 -10.86 -39.92 12.21
C LYS A 31 -9.46 -39.40 12.56
N VAL A 32 -9.16 -38.17 12.11
CA VAL A 32 -7.82 -37.62 12.26
C VAL A 32 -7.87 -36.25 12.92
N PHE A 33 -6.97 -36.03 13.87
CA PHE A 33 -6.83 -34.71 14.51
C PHE A 33 -5.61 -33.96 14.00
N TYR A 34 -5.81 -32.70 13.64
CA TYR A 34 -4.73 -31.87 13.10
C TYR A 34 -4.25 -30.84 14.10
N SER A 35 -2.96 -30.57 14.09
CA SER A 35 -2.39 -29.51 14.93
C SER A 35 -1.18 -28.88 14.24
N ILE A 36 -0.75 -27.73 14.74
CA ILE A 36 0.46 -27.10 14.21
C ILE A 36 1.44 -26.68 15.29
N THR A 37 2.72 -26.75 14.95
CA THR A 37 3.78 -26.22 15.79
C THR A 37 4.59 -25.20 15.03
N GLY A 38 5.45 -24.46 15.74
CA GLY A 38 6.28 -23.44 15.13
C GLY A 38 6.14 -22.12 15.85
N GLN A 39 7.05 -21.19 15.55
CA GLN A 39 6.88 -19.80 15.97
C GLN A 39 5.77 -19.13 15.18
N GLY A 40 4.79 -18.59 15.89
CA GLY A 40 3.53 -18.16 15.28
C GLY A 40 2.38 -19.07 15.66
N ALA A 41 2.69 -20.29 16.09
CA ALA A 41 1.66 -21.25 16.48
C ALA A 41 1.69 -21.49 17.98
N ASP A 42 2.57 -22.38 18.42
CA ASP A 42 2.64 -22.75 19.82
C ASP A 42 3.90 -22.19 20.49
N THR A 43 4.76 -21.54 19.71
CA THR A 43 5.83 -20.75 20.27
C THR A 43 5.79 -19.30 19.78
N PRO A 44 6.44 -18.38 20.50
CA PRO A 44 6.15 -16.95 20.37
C PRO A 44 6.50 -16.40 18.99
N PRO A 45 5.57 -15.67 18.38
CA PRO A 45 4.32 -15.27 19.04
C PRO A 45 3.22 -16.33 18.93
N VAL A 46 2.62 -16.65 20.06
CA VAL A 46 1.70 -17.77 20.15
C VAL A 46 0.34 -17.40 19.57
N GLY A 47 -0.23 -18.28 18.76
CA GLY A 47 -1.64 -18.19 18.40
C GLY A 47 -1.93 -17.36 17.15
N VAL A 48 -0.90 -16.84 16.53
CA VAL A 48 -1.08 -16.01 15.34
C VAL A 48 -1.69 -16.86 14.23
N PHE A 49 -1.20 -18.10 14.13
CA PHE A 49 -1.84 -19.10 13.29
C PHE A 49 -2.41 -20.23 14.12
N ILE A 50 -3.62 -20.66 13.78
CA ILE A 50 -4.22 -21.84 14.37
C ILE A 50 -4.65 -22.81 13.27
N ILE A 51 -5.01 -24.02 13.69
CA ILE A 51 -5.60 -24.98 12.79
C ILE A 51 -6.73 -25.72 13.49
N GLU A 52 -7.88 -25.81 12.82
CA GLU A 52 -9.00 -26.58 13.34
C GLU A 52 -8.62 -28.05 13.49
N ARG A 53 -8.84 -28.60 14.68
CA ARG A 53 -8.45 -29.96 15.00
C ARG A 53 -9.13 -30.98 14.09
N GLU A 54 -10.39 -30.71 13.75
CA GLU A 54 -11.20 -31.68 13.01
C GLU A 54 -11.07 -31.49 11.50
N THR A 55 -11.22 -30.26 11.04
CA THR A 55 -11.41 -30.00 9.61
C THR A 55 -10.08 -29.72 8.90
N GLY A 56 -9.05 -29.42 9.69
CA GLY A 56 -7.73 -29.14 9.13
C GLY A 56 -7.64 -27.78 8.46
N TRP A 57 -8.52 -26.85 8.83
CA TRP A 57 -8.46 -25.49 8.29
C TRP A 57 -7.42 -24.68 9.03
N LEU A 58 -6.45 -24.17 8.29
CA LEU A 58 -5.41 -23.31 8.84
C LEU A 58 -5.85 -21.86 8.74
N LYS A 59 -5.78 -21.14 9.86
CA LYS A 59 -6.31 -19.79 9.92
C LYS A 59 -5.28 -18.82 10.49
N VAL A 60 -5.38 -17.56 10.10
CA VAL A 60 -4.68 -16.48 10.80
C VAL A 60 -5.65 -15.69 11.67
N THR A 61 -5.20 -15.33 12.87
CA THR A 61 -6.10 -14.86 13.91
C THR A 61 -5.98 -13.35 14.11
N GLU A 62 -4.95 -12.75 13.52
CA GLU A 62 -4.71 -11.32 13.68
C GLU A 62 -3.92 -10.73 12.50
N PRO A 63 -3.83 -9.40 12.45
CA PRO A 63 -3.06 -8.75 11.40
C PRO A 63 -1.58 -9.04 11.53
N LEU A 64 -0.89 -9.18 10.40
CA LEU A 64 0.54 -9.45 10.42
C LEU A 64 1.32 -8.16 10.15
N ASP A 65 2.62 -8.22 10.40
CA ASP A 65 3.49 -7.07 10.18
C ASP A 65 4.81 -7.52 9.58
N ARG A 66 5.01 -7.21 8.31
CA ARG A 66 6.12 -7.77 7.55
C ARG A 66 7.43 -7.27 8.13
N GLU A 67 7.40 -6.09 8.72
CA GLU A 67 8.61 -5.45 9.21
C GLU A 67 8.98 -5.98 10.60
N ARG A 68 8.06 -6.71 11.22
CA ARG A 68 8.33 -7.42 12.46
C ARG A 68 8.71 -8.87 12.19
N ILE A 69 7.83 -9.59 11.51
CA ILE A 69 8.16 -10.92 11.00
C ILE A 69 7.68 -11.05 9.57
N ALA A 70 8.57 -11.49 8.69
CA ALA A 70 8.29 -11.52 7.26
C ALA A 70 7.96 -12.93 6.79
N THR A 71 8.44 -13.93 7.52
CA THR A 71 8.19 -15.31 7.17
C THR A 71 7.92 -16.14 8.43
N TYR A 72 7.03 -17.10 8.33
CA TYR A 72 6.86 -18.10 9.38
C TYR A 72 7.11 -19.49 8.84
N THR A 73 7.73 -20.33 9.67
CA THR A 73 7.85 -21.74 9.36
C THR A 73 7.08 -22.57 10.38
N LEU A 74 6.01 -23.20 9.92
CA LEU A 74 5.17 -24.01 10.77
C LEU A 74 5.30 -25.48 10.38
N PHE A 75 4.93 -26.37 11.31
CA PHE A 75 4.83 -27.78 10.99
C PHE A 75 3.44 -28.31 11.30
N SER A 76 2.92 -29.09 10.36
CA SER A 76 1.58 -29.66 10.46
C SER A 76 1.66 -31.07 11.01
N HIS A 77 0.73 -31.40 11.90
CA HIS A 77 0.72 -32.71 12.55
C HIS A 77 -0.64 -33.38 12.36
N ALA A 78 -0.62 -34.70 12.21
CA ALA A 78 -1.85 -35.48 12.06
C ALA A 78 -1.81 -36.72 12.95
N VAL A 79 -2.86 -36.90 13.73
CA VAL A 79 -2.89 -37.94 14.76
C VAL A 79 -4.20 -38.71 14.71
N SER A 80 -4.12 -40.04 14.78
CA SER A 80 -5.31 -40.89 14.79
C SER A 80 -6.06 -40.77 16.12
N SER A 81 -7.29 -41.25 16.13
CA SER A 81 -8.14 -41.12 17.31
C SER A 81 -7.73 -42.11 18.39
N ASN A 82 -6.85 -43.04 18.05
CA ASN A 82 -6.25 -43.93 19.05
C ASN A 82 -4.90 -43.40 19.54
N GLY A 83 -4.42 -42.33 18.92
CA GLY A 83 -3.44 -41.45 19.55
C GLY A 83 -2.07 -41.52 18.90
N ASN A 84 -2.00 -42.09 17.70
CA ASN A 84 -0.73 -42.21 16.99
C ASN A 84 -0.62 -41.23 15.82
N ALA A 85 0.56 -40.67 15.65
CA ALA A 85 0.87 -39.91 14.44
C ALA A 85 0.70 -40.79 13.21
N VAL A 86 -0.04 -40.30 12.23
CA VAL A 86 -0.25 -41.01 10.98
C VAL A 86 0.56 -40.41 9.84
N GLU A 87 1.19 -39.27 10.11
CA GLU A 87 2.15 -38.67 9.17
C GLU A 87 3.37 -38.16 9.91
N ASP A 88 4.48 -38.05 9.18
CA ASP A 88 5.55 -37.14 9.58
C ASP A 88 5.06 -35.70 9.50
N PRO A 89 5.54 -34.84 10.40
CA PRO A 89 5.13 -33.44 10.40
C PRO A 89 5.48 -32.77 9.08
N MET A 90 4.54 -31.99 8.56
CA MET A 90 4.71 -31.39 7.23
C MET A 90 5.00 -29.90 7.37
N GLU A 91 6.09 -29.46 6.74
CA GLU A 91 6.51 -28.08 6.86
C GLU A 91 5.58 -27.17 6.09
N ILE A 92 5.29 -26.01 6.67
CA ILE A 92 4.47 -25.00 6.01
C ILE A 92 5.19 -23.67 6.02
N LEU A 93 5.25 -23.02 4.86
CA LEU A 93 5.90 -21.71 4.74
C LEU A 93 4.86 -20.64 4.53
N ILE A 94 4.89 -19.62 5.38
CA ILE A 94 3.98 -18.49 5.24
C ILE A 94 4.77 -17.21 5.01
N THR A 95 4.49 -16.56 3.88
CA THR A 95 5.21 -15.36 3.48
C THR A 95 4.31 -14.15 3.66
N VAL A 96 4.82 -13.14 4.37
CA VAL A 96 4.04 -11.95 4.64
C VAL A 96 4.40 -10.87 3.63
N THR A 97 3.42 -10.47 2.82
CA THR A 97 3.69 -9.53 1.73
C THR A 97 3.45 -8.09 2.18
N ASP A 98 4.14 -7.17 1.51
CA ASP A 98 4.38 -5.84 2.06
C ASP A 98 3.20 -4.93 1.75
N GLN A 99 2.85 -4.07 2.71
CA GLN A 99 2.10 -2.86 2.41
C GLN A 99 2.99 -1.63 2.65
N ASN A 100 2.65 -0.53 1.99
CA ASN A 100 3.38 0.72 2.15
C ASN A 100 2.92 1.41 3.42
N ASP A 101 3.31 0.85 4.56
CA ASP A 101 2.83 1.33 5.85
C ASP A 101 3.92 2.06 6.62
N ASN A 102 5.05 2.31 5.96
CA ASN A 102 6.09 3.17 6.54
C ASN A 102 6.44 4.36 5.65
N LYS A 103 6.35 5.56 6.23
CA LYS A 103 6.89 6.77 5.61
C LYS A 103 8.41 6.70 5.57
N PRO A 104 9.01 7.34 4.55
CA PRO A 104 10.45 7.58 4.58
C PRO A 104 10.85 8.39 5.80
N GLU A 105 12.01 8.08 6.36
CA GLU A 105 12.53 8.81 7.50
C GLU A 105 13.93 9.33 7.20
N PHE A 106 14.13 10.62 7.37
CA PHE A 106 15.46 11.20 7.21
C PHE A 106 16.36 10.78 8.36
N THR A 107 17.62 10.51 8.05
CA THR A 107 18.59 10.09 9.06
C THR A 107 18.86 11.17 10.09
N GLN A 108 18.59 12.43 9.73
CA GLN A 108 18.67 13.54 10.68
C GLN A 108 17.45 14.44 10.52
N GLU A 109 17.17 15.25 11.54
CA GLU A 109 16.15 16.29 11.44
C GLU A 109 16.69 17.50 10.67
N VAL A 110 17.93 17.85 10.95
CA VAL A 110 18.58 18.99 10.31
C VAL A 110 19.93 18.56 9.76
N PHE A 111 20.08 18.64 8.44
CA PHE A 111 21.38 18.44 7.81
C PHE A 111 22.06 19.79 7.63
N LYS A 112 23.37 19.81 7.80
CA LYS A 112 24.13 21.04 7.73
C LYS A 112 25.23 20.92 6.69
N GLY A 113 25.41 21.99 5.92
CA GLY A 113 26.42 22.01 4.85
C GLY A 113 26.96 23.40 4.66
N SER A 114 27.85 23.55 3.69
CA SER A 114 28.47 24.83 3.42
C SER A 114 28.78 24.95 1.94
N VAL A 115 28.79 26.18 1.46
CA VAL A 115 29.08 26.44 0.06
C VAL A 115 29.85 27.74 -0.06
N MET A 116 30.83 27.75 -0.96
CA MET A 116 31.71 28.88 -1.13
C MET A 116 31.11 29.87 -2.13
N GLU A 117 31.06 31.14 -1.75
CA GLU A 117 30.82 32.22 -2.71
C GLU A 117 31.55 31.94 -4.02
N GLY A 118 30.83 32.08 -5.13
CA GLY A 118 31.45 31.98 -6.45
C GLY A 118 31.69 30.53 -6.86
N ALA A 119 31.10 29.60 -6.11
CA ALA A 119 31.04 28.21 -6.55
C ALA A 119 30.38 28.13 -7.92
N LEU A 120 31.02 27.40 -8.82
CA LEU A 120 30.45 27.12 -10.13
C LEU A 120 29.04 26.57 -10.00
N PRO A 121 28.09 27.12 -10.78
CA PRO A 121 26.80 26.47 -10.96
C PRO A 121 26.96 25.02 -11.42
N GLY A 122 26.34 24.11 -10.67
CA GLY A 122 26.51 22.68 -10.91
C GLY A 122 27.47 22.05 -9.91
N THR A 123 27.90 22.82 -8.92
CA THR A 123 28.72 22.31 -7.83
C THR A 123 27.87 21.61 -6.79
N SER A 124 28.27 20.40 -6.43
CA SER A 124 27.64 19.69 -5.32
C SER A 124 27.97 20.35 -4.00
N VAL A 125 26.98 20.42 -3.11
CA VAL A 125 27.14 21.08 -1.84
C VAL A 125 27.13 20.08 -0.69
N MET A 126 26.11 19.24 -0.65
CA MET A 126 25.86 18.38 0.50
C MET A 126 24.84 17.31 0.13
N GLU A 127 24.68 16.33 1.00
CA GLU A 127 23.80 15.20 0.71
C GLU A 127 22.86 14.96 1.89
N VAL A 128 21.57 14.85 1.60
CA VAL A 128 20.61 14.39 2.59
C VAL A 128 20.19 12.95 2.31
N THR A 129 19.71 12.27 3.33
CA THR A 129 19.53 10.84 3.27
C THR A 129 18.32 10.41 4.07
N ALA A 130 17.46 9.62 3.45
CA ALA A 130 16.34 9.02 4.14
C ALA A 130 16.29 7.53 3.84
N THR A 131 15.76 6.77 4.78
CA THR A 131 15.50 5.36 4.57
C THR A 131 14.00 5.08 4.60
N ASP A 132 13.61 3.91 4.12
CA ASP A 132 12.21 3.49 4.17
C ASP A 132 12.14 2.00 4.50
N ALA A 133 11.32 1.66 5.48
CA ALA A 133 11.40 0.35 6.11
C ALA A 133 10.64 -0.70 5.30
N ASP A 134 9.97 -0.27 4.24
CA ASP A 134 9.14 -1.18 3.47
C ASP A 134 9.96 -1.96 2.46
N ASP A 135 9.29 -2.80 1.67
CA ASP A 135 9.94 -3.89 0.96
C ASP A 135 10.50 -3.43 -0.39
N ASP A 136 11.81 -3.33 -0.47
CA ASP A 136 12.47 -2.65 -1.59
C ASP A 136 12.85 -3.64 -2.69
N VAL A 137 12.80 -4.93 -2.36
CA VAL A 137 13.15 -5.95 -3.33
C VAL A 137 11.98 -6.21 -4.26
N ASN A 138 10.77 -6.19 -3.71
CA ASN A 138 9.60 -6.68 -4.42
C ASN A 138 8.67 -5.57 -4.87
N THR A 139 8.74 -4.43 -4.18
CA THR A 139 7.76 -3.37 -4.37
C THR A 139 8.45 -2.03 -4.59
N TYR A 140 7.64 -1.00 -4.85
CA TYR A 140 8.12 0.36 -4.92
C TYR A 140 7.81 1.12 -3.62
N ASN A 141 7.53 0.37 -2.56
CA ASN A 141 7.06 0.96 -1.31
C ASN A 141 8.19 1.63 -0.55
N ALA A 142 9.42 1.34 -0.96
CA ALA A 142 10.59 1.92 -0.31
C ALA A 142 11.40 2.80 -1.26
N ALA A 143 10.85 3.08 -2.44
CA ALA A 143 11.60 3.69 -3.53
C ALA A 143 11.52 5.21 -3.45
N ILE A 144 12.58 5.84 -2.96
CA ILE A 144 12.52 7.22 -2.49
C ILE A 144 12.94 8.20 -3.58
N ALA A 145 12.14 9.24 -3.78
CA ALA A 145 12.58 10.43 -4.52
C ALA A 145 12.67 11.65 -3.61
N TYR A 146 13.70 12.46 -3.83
CA TYR A 146 13.93 13.67 -3.03
C TYR A 146 13.49 14.91 -3.81
N THR A 147 12.89 15.85 -3.09
CA THR A 147 12.58 17.15 -3.66
C THR A 147 12.89 18.25 -2.65
N ILE A 148 13.05 19.48 -3.15
CA ILE A 148 13.14 20.64 -2.28
C ILE A 148 11.82 21.39 -2.28
N LEU A 149 11.30 21.68 -1.09
CA LEU A 149 9.98 22.30 -0.96
C LEU A 149 10.07 23.81 -0.90
N SER A 150 11.12 24.32 -0.26
CA SER A 150 11.18 25.74 0.04
C SER A 150 12.61 26.17 0.34
N GLN A 151 12.88 27.45 0.11
CA GLN A 151 14.18 28.03 0.38
C GLN A 151 14.01 29.36 1.11
N ASP A 152 14.81 29.56 2.16
CA ASP A 152 14.75 30.76 2.95
C ASP A 152 16.17 31.24 3.30
N PRO A 153 16.53 32.44 2.87
CA PRO A 153 15.62 33.34 2.17
C PRO A 153 15.56 33.06 0.68
N GLU A 154 14.69 33.78 -0.02
CA GLU A 154 14.54 33.62 -1.46
C GLU A 154 15.39 34.64 -2.21
N LEU A 155 16.64 34.79 -1.80
CA LEU A 155 17.49 35.86 -2.29
C LEU A 155 18.94 35.40 -2.40
N PRO A 156 19.61 35.82 -3.47
CA PRO A 156 19.05 36.80 -4.40
C PRO A 156 18.08 36.18 -5.41
N ASP A 157 18.03 34.85 -5.44
CA ASP A 157 17.08 34.12 -6.28
C ASP A 157 16.30 33.10 -5.45
N LYS A 158 15.09 32.81 -5.92
CA LYS A 158 14.19 31.88 -5.23
C LYS A 158 14.73 30.45 -5.25
N ASN A 159 15.45 30.09 -6.31
CA ASN A 159 15.87 28.71 -6.51
C ASN A 159 17.38 28.58 -6.67
N MET A 160 18.13 28.93 -5.64
CA MET A 160 19.60 28.87 -5.70
C MET A 160 20.07 27.43 -5.89
N PHE A 161 19.32 26.49 -5.33
CA PHE A 161 19.77 25.12 -5.20
C PHE A 161 18.82 24.16 -5.90
N THR A 162 19.34 22.97 -6.20
CA THR A 162 18.50 21.87 -6.62
C THR A 162 18.97 20.56 -5.99
N ILE A 163 18.07 19.57 -5.97
CA ILE A 163 18.37 18.29 -5.37
C ILE A 163 18.20 17.18 -6.40
N ASN A 164 19.19 16.28 -6.46
CA ASN A 164 19.08 15.10 -7.28
C ASN A 164 18.01 14.14 -6.74
N ARG A 165 17.00 13.87 -7.56
CA ARG A 165 15.81 13.16 -7.09
C ARG A 165 16.18 11.81 -6.52
N ASN A 166 17.25 11.22 -7.05
CA ASN A 166 17.62 9.86 -6.70
C ASN A 166 18.56 9.83 -5.50
N THR A 167 19.62 10.63 -5.55
CA THR A 167 20.74 10.46 -4.64
C THR A 167 20.62 11.36 -3.41
N GLY A 168 19.74 12.35 -3.49
CA GLY A 168 19.58 13.32 -2.40
C GLY A 168 20.73 14.31 -2.30
N VAL A 169 21.55 14.37 -3.36
CA VAL A 169 22.64 15.32 -3.40
C VAL A 169 22.12 16.70 -3.80
N ILE A 170 22.48 17.70 -3.01
CA ILE A 170 22.05 19.06 -3.25
C ILE A 170 23.17 19.86 -3.92
N SER A 171 22.81 20.57 -4.99
CA SER A 171 23.79 21.32 -5.79
C SER A 171 23.41 22.79 -5.86
N VAL A 172 24.41 23.64 -5.95
CA VAL A 172 24.21 25.04 -6.37
C VAL A 172 23.92 25.07 -7.87
N VAL A 173 22.97 25.90 -8.25
CA VAL A 173 22.43 25.87 -9.62
C VAL A 173 22.56 27.22 -10.30
N THR A 174 22.91 28.24 -9.52
CA THR A 174 23.06 29.59 -10.07
C THR A 174 24.11 30.37 -9.28
N THR A 175 24.11 31.68 -9.47
CA THR A 175 25.22 32.53 -9.03
C THR A 175 24.75 33.52 -7.97
N GLY A 176 25.69 34.29 -7.43
CA GLY A 176 25.33 35.43 -6.58
C GLY A 176 25.21 35.07 -5.12
N LEU A 177 25.92 34.04 -4.68
CA LEU A 177 26.10 33.80 -3.25
C LEU A 177 26.90 34.95 -2.63
N ASP A 178 26.42 35.45 -1.49
CA ASP A 178 27.07 36.57 -0.82
C ASP A 178 26.83 36.52 0.68
N ARG A 179 27.83 36.04 1.42
CA ARG A 179 27.63 35.70 2.82
C ARG A 179 27.39 36.95 3.67
N GLU A 180 27.69 38.13 3.13
CA GLU A 180 27.56 39.36 3.90
C GLU A 180 26.15 39.94 3.77
N SER A 181 25.40 39.50 2.77
CA SER A 181 24.01 39.87 2.65
C SER A 181 23.11 38.72 3.08
N PHE A 182 23.45 37.51 2.63
CA PHE A 182 22.63 36.34 2.88
C PHE A 182 23.50 35.17 3.34
N PRO A 183 23.66 35.04 4.66
CA PRO A 183 24.74 34.21 5.21
C PRO A 183 24.42 32.71 5.21
N THR A 184 23.13 32.35 5.21
CA THR A 184 22.74 30.94 5.17
C THR A 184 21.53 30.72 4.27
N TYR A 185 21.32 29.46 3.91
CA TYR A 185 20.10 29.04 3.25
C TYR A 185 19.48 27.87 3.97
N THR A 186 18.22 28.01 4.34
CA THR A 186 17.48 26.95 5.00
C THR A 186 16.47 26.34 4.03
N LEU A 187 16.78 25.12 3.57
CA LEU A 187 15.92 24.39 2.66
C LEU A 187 15.06 23.39 3.42
N VAL A 188 13.79 23.30 3.06
CA VAL A 188 12.97 22.16 3.46
C VAL A 188 12.98 21.10 2.38
N VAL A 189 13.44 19.91 2.74
CA VAL A 189 13.58 18.82 1.79
C VAL A 189 12.53 17.76 2.07
N GLN A 190 12.04 17.12 1.02
CA GLN A 190 11.07 16.07 1.16
C GLN A 190 11.60 14.77 0.58
N ALA A 191 11.23 13.67 1.22
CA ALA A 191 11.43 12.35 0.66
C ALA A 191 10.10 11.61 0.58
N ALA A 192 9.81 11.04 -0.57
CA ALA A 192 8.54 10.36 -0.78
C ALA A 192 8.78 9.04 -1.51
N ASP A 193 8.18 7.97 -1.00
CA ASP A 193 8.30 6.67 -1.66
C ASP A 193 7.32 6.57 -2.84
N LEU A 194 7.14 5.36 -3.36
CA LEU A 194 6.55 5.18 -4.68
C LEU A 194 7.15 6.16 -5.68
N GLN A 195 8.48 6.24 -5.69
CA GLN A 195 9.18 7.05 -6.69
C GLN A 195 8.66 8.47 -6.71
N GLY A 196 8.24 8.96 -5.55
CA GLY A 196 7.91 10.38 -5.40
C GLY A 196 6.44 10.59 -5.18
N GLU A 197 5.63 9.57 -5.49
CA GLU A 197 4.18 9.75 -5.59
C GLU A 197 3.49 9.34 -4.30
N GLY A 198 4.26 8.86 -3.33
CA GLY A 198 3.73 8.07 -2.24
C GLY A 198 3.70 8.80 -0.91
N LEU A 199 4.00 8.09 0.17
CA LEU A 199 4.09 8.70 1.49
C LEU A 199 5.35 9.55 1.60
N SER A 200 5.29 10.60 2.41
CA SER A 200 6.31 11.63 2.41
C SER A 200 6.64 12.08 3.82
N THR A 201 7.91 12.42 4.04
CA THR A 201 8.32 13.18 5.21
C THR A 201 9.25 14.31 4.78
N THR A 202 9.41 15.31 5.65
CA THR A 202 10.30 16.44 5.36
C THR A 202 11.42 16.50 6.40
N ALA A 203 12.49 17.17 6.02
CA ALA A 203 13.51 17.60 6.96
C ALA A 203 14.06 18.94 6.52
N THR A 204 15.11 19.40 7.18
CA THR A 204 15.68 20.71 6.90
C THR A 204 17.15 20.57 6.58
N ALA A 205 17.60 21.30 5.56
CA ALA A 205 19.02 21.45 5.27
C ALA A 205 19.42 22.92 5.36
N VAL A 206 20.39 23.21 6.22
CA VAL A 206 20.86 24.58 6.42
C VAL A 206 22.27 24.71 5.88
N ILE A 207 22.44 25.58 4.89
CA ILE A 207 23.71 25.72 4.20
C ILE A 207 24.37 27.05 4.55
N THR A 208 25.58 26.98 5.10
CA THR A 208 26.35 28.16 5.45
C THR A 208 27.22 28.62 4.27
N VAL A 209 27.10 29.89 3.92
CA VAL A 209 27.85 30.45 2.80
C VAL A 209 29.21 30.95 3.29
N THR A 210 30.27 30.43 2.69
CA THR A 210 31.63 30.77 3.12
C THR A 210 32.33 31.64 2.08
N ASP A 211 33.28 32.44 2.55
CA ASP A 211 34.48 32.76 1.78
C ASP A 211 35.06 31.51 1.13
N ILE B 2 -6.37 -27.22 -5.88
CA ILE B 2 -5.75 -25.86 -5.90
C ILE B 2 -6.67 -24.84 -5.23
N PRO B 3 -6.23 -24.32 -4.07
CA PRO B 3 -6.80 -23.08 -3.54
C PRO B 3 -6.37 -21.89 -4.39
N PRO B 4 -6.92 -20.70 -4.09
CA PRO B 4 -6.56 -19.51 -4.85
C PRO B 4 -5.05 -19.26 -4.86
N ILE B 5 -4.53 -18.87 -6.02
CA ILE B 5 -3.23 -18.23 -6.09
C ILE B 5 -3.38 -16.73 -5.83
N SER B 6 -2.46 -16.17 -5.07
CA SER B 6 -2.47 -14.73 -4.79
C SER B 6 -1.19 -14.09 -5.30
N CYS B 7 -1.35 -12.99 -6.03
CA CYS B 7 -0.22 -12.16 -6.43
C CYS B 7 -0.53 -10.70 -6.13
N PRO B 8 0.43 -10.00 -5.51
CA PRO B 8 0.32 -8.56 -5.30
C PRO B 8 0.36 -7.80 -6.61
N GLU B 9 -0.34 -6.68 -6.67
CA GLU B 9 -0.21 -5.76 -7.79
C GLU B 9 1.06 -4.92 -7.70
N ASN B 10 1.54 -4.47 -8.86
CA ASN B 10 2.66 -3.53 -8.94
C ASN B 10 3.98 -4.15 -8.48
N GLU B 11 4.15 -5.44 -8.71
CA GLU B 11 5.40 -6.10 -8.38
C GLU B 11 6.53 -5.60 -9.29
N LYS B 12 7.70 -5.40 -8.70
CA LYS B 12 8.93 -5.24 -9.47
C LYS B 12 9.21 -6.48 -10.32
N GLY B 13 9.95 -6.29 -11.40
CA GLY B 13 10.51 -7.40 -12.16
C GLY B 13 11.64 -8.11 -11.44
N PRO B 14 12.33 -9.00 -12.12
CA PRO B 14 12.10 -9.22 -13.54
C PRO B 14 10.94 -10.17 -13.80
N PHE B 15 10.41 -10.17 -15.02
CA PHE B 15 9.36 -11.09 -15.42
C PHE B 15 9.89 -12.03 -16.51
N PRO B 16 9.26 -13.19 -16.66
CA PRO B 16 8.06 -13.55 -15.92
C PRO B 16 8.37 -14.11 -14.56
N LYS B 17 7.36 -14.18 -13.70
CA LYS B 17 7.53 -14.72 -12.36
C LYS B 17 6.75 -16.03 -12.24
N ASN B 18 7.40 -17.06 -11.76
CA ASN B 18 6.71 -18.29 -11.39
C ASN B 18 5.64 -18.02 -10.35
N LEU B 19 4.47 -18.61 -10.55
CA LEU B 19 3.44 -18.62 -9.52
C LEU B 19 3.39 -19.98 -8.84
N VAL B 20 3.07 -21.01 -9.60
CA VAL B 20 2.97 -22.36 -9.06
C VAL B 20 3.07 -23.36 -10.21
N GLN B 21 3.48 -24.58 -9.88
CA GLN B 21 3.60 -25.64 -10.87
C GLN B 21 2.38 -26.54 -10.85
N ILE B 22 1.68 -26.61 -11.99
CA ILE B 22 0.64 -27.60 -12.19
C ILE B 22 1.25 -28.90 -12.70
N LYS B 23 0.65 -30.03 -12.28
CA LYS B 23 1.14 -31.34 -12.67
C LYS B 23 -0.04 -32.28 -12.92
N SER B 24 0.20 -33.32 -13.71
CA SER B 24 -0.70 -34.47 -13.74
C SER B 24 0.04 -35.75 -13.36
N ASN B 25 -0.69 -36.72 -12.81
CA ASN B 25 -0.14 -38.05 -12.59
C ASN B 25 0.30 -38.69 -13.90
N LYS B 26 -0.42 -38.39 -14.97
CA LYS B 26 -0.15 -38.97 -16.27
C LYS B 26 1.28 -38.65 -16.72
N ASP B 27 1.94 -37.75 -15.99
CA ASP B 27 3.40 -37.66 -16.00
C ASP B 27 4.02 -39.04 -16.18
N LYS B 28 3.59 -39.98 -15.34
CA LYS B 28 4.22 -41.28 -15.25
C LYS B 28 3.99 -42.07 -16.53
N GLU B 29 2.77 -42.00 -17.06
CA GLU B 29 2.40 -42.73 -18.26
C GLU B 29 3.22 -42.27 -19.46
N GLY B 30 3.50 -40.97 -19.51
CA GLY B 30 4.31 -40.41 -20.60
C GLY B 30 4.21 -38.90 -20.67
N LYS B 31 4.54 -38.35 -21.83
CA LYS B 31 4.70 -36.90 -21.97
C LYS B 31 3.34 -36.20 -22.00
N VAL B 32 3.24 -35.08 -21.28
CA VAL B 32 2.02 -34.30 -21.21
C VAL B 32 2.32 -32.84 -21.47
N PHE B 33 1.38 -32.16 -22.12
CA PHE B 33 1.56 -30.76 -22.48
C PHE B 33 0.47 -29.90 -21.84
N TYR B 34 0.89 -28.83 -21.18
CA TYR B 34 -0.03 -28.01 -20.40
C TYR B 34 -0.34 -26.72 -21.14
N SER B 35 -1.60 -26.31 -21.07
CA SER B 35 -2.00 -24.99 -21.58
C SER B 35 -3.06 -24.38 -20.67
N ILE B 36 -3.30 -23.08 -20.84
CA ILE B 36 -4.34 -22.41 -20.07
C ILE B 36 -5.26 -21.59 -20.96
N THR B 37 -6.54 -21.56 -20.61
CA THR B 37 -7.49 -20.65 -21.22
C THR B 37 -8.10 -19.72 -20.17
N GLY B 38 -8.76 -18.67 -20.64
CA GLY B 38 -9.47 -17.75 -19.77
C GLY B 38 -9.13 -16.30 -20.09
N GLN B 39 -9.87 -15.37 -19.48
CA GLN B 39 -9.53 -13.95 -19.55
C GLN B 39 -8.31 -13.67 -18.70
N GLY B 40 -7.24 -13.23 -19.34
CA GLY B 40 -5.92 -13.17 -18.70
C GLY B 40 -4.94 -14.13 -19.34
N ALA B 41 -5.46 -15.12 -20.06
CA ALA B 41 -4.64 -16.12 -20.71
C ALA B 41 -4.72 -15.98 -22.22
N ASP B 42 -5.81 -16.48 -22.81
CA ASP B 42 -5.96 -16.53 -24.25
C ASP B 42 -7.01 -15.54 -24.74
N THR B 43 -7.83 -15.05 -23.81
CA THR B 43 -8.70 -13.91 -24.09
C THR B 43 -8.37 -12.75 -23.17
N PRO B 44 -8.91 -11.56 -23.47
CA PRO B 44 -8.29 -10.32 -23.00
C PRO B 44 -8.49 -10.10 -21.50
N PRO B 45 -7.46 -9.63 -20.81
CA PRO B 45 -6.19 -9.28 -21.45
C PRO B 45 -5.31 -10.50 -21.73
N VAL B 46 -4.70 -10.52 -22.92
CA VAL B 46 -4.08 -11.74 -23.43
C VAL B 46 -2.64 -11.86 -22.96
N GLY B 47 -2.29 -13.01 -22.37
CA GLY B 47 -0.90 -13.35 -22.12
C GLY B 47 -0.35 -12.80 -20.81
N VAL B 48 -1.24 -12.31 -19.96
CA VAL B 48 -0.81 -11.86 -18.63
C VAL B 48 -0.29 -13.06 -17.83
N PHE B 49 -1.02 -14.16 -17.91
CA PHE B 49 -0.54 -15.44 -17.40
C PHE B 49 -0.22 -16.39 -18.55
N ILE B 50 0.88 -17.10 -18.41
CA ILE B 50 1.21 -18.17 -19.33
C ILE B 50 1.55 -19.42 -18.53
N ILE B 51 1.48 -20.58 -19.18
CA ILE B 51 1.98 -21.80 -18.58
C ILE B 51 3.06 -22.43 -19.44
N GLU B 52 4.09 -22.95 -18.79
CA GLU B 52 5.16 -23.68 -19.48
C GLU B 52 4.64 -25.03 -19.97
N ARG B 53 4.71 -25.24 -21.28
CA ARG B 53 3.99 -26.35 -21.91
C ARG B 53 4.41 -27.68 -21.29
N GLU B 54 5.69 -27.80 -20.95
CA GLU B 54 6.26 -29.07 -20.56
C GLU B 54 6.33 -29.20 -19.04
N THR B 55 6.75 -28.13 -18.37
CA THR B 55 6.99 -28.18 -16.93
C THR B 55 5.72 -27.93 -16.14
N GLY B 56 4.78 -27.20 -16.72
CA GLY B 56 3.53 -26.88 -16.05
C GLY B 56 3.64 -25.72 -15.08
N TRP B 57 4.73 -24.96 -15.18
CA TRP B 57 4.88 -23.73 -14.39
C TRP B 57 3.95 -22.64 -14.88
N LEU B 58 2.95 -22.32 -14.06
CA LEU B 58 2.12 -21.13 -14.28
C LEU B 58 2.89 -19.87 -13.92
N LYS B 59 2.95 -18.93 -14.86
CA LYS B 59 3.74 -17.73 -14.69
C LYS B 59 2.89 -16.48 -14.92
N VAL B 60 3.33 -15.36 -14.35
CA VAL B 60 2.74 -14.07 -14.67
C VAL B 60 3.79 -13.19 -15.35
N THR B 61 3.38 -12.47 -16.39
CA THR B 61 4.34 -11.96 -17.37
C THR B 61 4.53 -10.46 -17.27
N GLU B 62 3.79 -9.82 -16.37
CA GLU B 62 3.91 -8.38 -16.16
C GLU B 62 3.29 -7.97 -14.83
N PRO B 63 3.64 -6.77 -14.35
CA PRO B 63 3.01 -6.24 -13.14
C PRO B 63 1.50 -6.13 -13.28
N LEU B 64 0.78 -6.50 -12.24
CA LEU B 64 -0.68 -6.50 -12.29
C LEU B 64 -1.23 -5.21 -11.70
N ASP B 65 -2.51 -4.96 -11.95
CA ASP B 65 -3.19 -3.80 -11.40
C ASP B 65 -4.55 -4.21 -10.87
N ARG B 66 -4.66 -4.34 -9.55
CA ARG B 66 -5.88 -4.85 -8.93
C ARG B 66 -7.09 -4.06 -9.39
N GLU B 67 -6.90 -2.77 -9.66
CA GLU B 67 -8.02 -1.88 -9.94
C GLU B 67 -8.55 -2.08 -11.36
N ARG B 68 -7.81 -2.82 -12.18
CA ARG B 68 -8.33 -3.24 -13.48
C ARG B 68 -9.06 -4.58 -13.34
N ILE B 69 -8.35 -5.59 -12.87
CA ILE B 69 -8.95 -6.88 -12.55
C ILE B 69 -8.36 -7.40 -11.25
N ALA B 70 -9.22 -7.70 -10.28
CA ALA B 70 -8.77 -8.13 -8.96
C ALA B 70 -8.73 -9.65 -8.85
N THR B 71 -9.49 -10.33 -9.71
CA THR B 71 -9.63 -11.78 -9.67
C THR B 71 -9.68 -12.35 -11.09
N TYR B 72 -8.81 -13.30 -11.38
CA TYR B 72 -8.85 -14.02 -12.66
C TYR B 72 -9.38 -15.44 -12.47
N THR B 73 -10.17 -15.90 -13.42
CA THR B 73 -10.55 -17.30 -13.49
C THR B 73 -9.98 -17.96 -14.74
N LEU B 74 -9.03 -18.87 -14.53
CA LEU B 74 -8.40 -19.58 -15.64
C LEU B 74 -8.77 -21.06 -15.59
N PHE B 75 -8.52 -21.76 -16.68
CA PHE B 75 -8.61 -23.22 -16.70
C PHE B 75 -7.37 -23.83 -17.31
N SER B 76 -6.81 -24.81 -16.62
CA SER B 76 -5.63 -25.52 -17.11
C SER B 76 -6.06 -26.74 -17.92
N HIS B 77 -5.36 -26.97 -19.02
CA HIS B 77 -5.61 -28.15 -19.84
C HIS B 77 -4.37 -29.03 -19.87
N ALA B 78 -4.59 -30.33 -19.95
CA ALA B 78 -3.50 -31.29 -20.04
C ALA B 78 -3.75 -32.28 -21.19
N VAL B 79 -2.75 -32.47 -22.03
CA VAL B 79 -2.90 -33.19 -23.28
C VAL B 79 -1.69 -34.09 -23.55
N SER B 80 -1.94 -35.35 -23.88
CA SER B 80 -0.86 -36.27 -24.22
C SER B 80 -0.13 -35.80 -25.48
N SER B 81 1.12 -36.23 -25.63
CA SER B 81 1.90 -35.87 -26.81
C SER B 81 1.33 -36.52 -28.08
N ASN B 82 0.35 -37.39 -27.89
CA ASN B 82 -0.40 -37.95 -29.02
C ASN B 82 -1.65 -37.13 -29.35
N GLY B 83 -2.08 -36.31 -28.39
CA GLY B 83 -2.97 -35.20 -28.70
C GLY B 83 -4.37 -35.38 -28.14
N ASN B 84 -4.50 -36.22 -27.12
CA ASN B 84 -5.77 -36.41 -26.42
C ASN B 84 -5.74 -35.79 -25.03
N ALA B 85 -6.86 -35.19 -24.63
CA ALA B 85 -6.96 -34.61 -23.30
C ALA B 85 -6.94 -35.71 -22.25
N VAL B 86 -5.99 -35.61 -21.32
CA VAL B 86 -5.81 -36.63 -20.30
C VAL B 86 -6.45 -36.21 -18.97
N GLU B 87 -6.96 -34.99 -18.92
CA GLU B 87 -7.73 -34.51 -17.77
C GLU B 87 -8.89 -33.65 -18.24
N ASP B 88 -9.89 -33.49 -17.38
CA ASP B 88 -10.80 -32.35 -17.48
C ASP B 88 -10.09 -31.05 -17.11
N PRO B 89 -10.42 -29.96 -17.81
CA PRO B 89 -9.86 -28.65 -17.47
C PRO B 89 -10.07 -28.31 -16.01
N MET B 90 -8.99 -27.93 -15.33
CA MET B 90 -9.06 -27.61 -13.91
C MET B 90 -9.10 -26.09 -13.71
N GLU B 91 -10.11 -25.63 -12.99
CA GLU B 91 -10.25 -24.21 -12.70
C GLU B 91 -9.14 -23.70 -11.80
N ILE B 92 -8.62 -22.53 -12.13
CA ILE B 92 -7.59 -21.89 -11.32
C ILE B 92 -8.02 -20.47 -10.97
N LEU B 93 -7.96 -20.13 -9.68
CA LEU B 93 -8.31 -18.81 -9.20
C LEU B 93 -7.06 -18.02 -8.88
N ILE B 94 -6.95 -16.82 -9.43
CA ILE B 94 -5.87 -15.92 -9.04
C ILE B 94 -6.43 -14.63 -8.46
N THR B 95 -6.11 -14.38 -7.19
CA THR B 95 -6.49 -13.15 -6.52
C THR B 95 -5.35 -12.15 -6.58
N VAL B 96 -5.64 -10.94 -7.05
CA VAL B 96 -4.66 -9.87 -7.01
C VAL B 96 -4.84 -9.04 -5.74
N THR B 97 -3.82 -9.04 -4.89
CA THR B 97 -3.92 -8.32 -3.62
C THR B 97 -3.46 -6.87 -3.76
N ASP B 98 -3.96 -6.03 -2.85
CA ASP B 98 -4.02 -4.60 -3.07
C ASP B 98 -2.71 -3.93 -2.62
N GLN B 99 -2.28 -2.93 -3.38
CA GLN B 99 -1.41 -1.90 -2.82
C GLN B 99 -2.16 -0.57 -2.79
N ASN B 100 -1.75 0.32 -1.88
CA ASN B 100 -2.30 1.65 -1.82
C ASN B 100 -1.69 2.57 -2.87
N ASP B 101 -2.25 2.54 -4.07
CA ASP B 101 -1.69 3.27 -5.20
C ASP B 101 -2.74 4.16 -5.84
N ASN B 102 -3.84 4.37 -5.13
CA ASN B 102 -4.80 5.41 -5.50
C ASN B 102 -5.06 6.38 -4.34
N LYS B 103 -4.93 7.67 -4.63
CA LYS B 103 -5.41 8.70 -3.73
C LYS B 103 -6.93 8.66 -3.71
N PRO B 104 -7.52 9.07 -2.56
CA PRO B 104 -8.93 9.43 -2.55
C PRO B 104 -9.25 10.49 -3.60
N GLU B 105 -10.49 10.49 -4.06
CA GLU B 105 -10.95 11.51 -4.99
C GLU B 105 -12.32 11.99 -4.53
N PHE B 106 -12.46 13.31 -4.42
CA PHE B 106 -13.74 13.90 -4.08
C PHE B 106 -14.71 13.80 -5.25
N THR B 107 -15.98 13.64 -4.96
CA THR B 107 -17.00 13.47 -5.97
C THR B 107 -17.19 14.76 -6.79
N GLN B 108 -16.82 15.89 -6.20
CA GLN B 108 -16.80 17.16 -6.93
C GLN B 108 -15.55 17.94 -6.58
N GLU B 109 -15.26 18.96 -7.37
CA GLU B 109 -14.14 19.85 -7.10
C GLU B 109 -14.59 20.98 -6.17
N VAL B 110 -15.87 21.29 -6.22
CA VAL B 110 -16.42 22.36 -5.41
C VAL B 110 -17.76 21.96 -4.85
N PHE B 111 -17.84 21.77 -3.54
CA PHE B 111 -19.10 21.52 -2.86
C PHE B 111 -19.70 22.83 -2.37
N LYS B 112 -21.02 22.93 -2.40
CA LYS B 112 -21.71 24.15 -1.99
C LYS B 112 -22.67 23.87 -0.84
N GLY B 113 -22.71 24.78 0.12
CA GLY B 113 -23.72 24.71 1.17
C GLY B 113 -24.00 26.08 1.78
N SER B 114 -25.03 26.16 2.61
CA SER B 114 -25.40 27.42 3.24
C SER B 114 -25.73 27.22 4.71
N VAL B 115 -25.66 28.30 5.47
CA VAL B 115 -25.92 28.25 6.91
C VAL B 115 -26.48 29.58 7.39
N MET B 116 -27.63 29.52 8.04
CA MET B 116 -28.26 30.71 8.61
C MET B 116 -27.39 31.31 9.71
N GLU B 117 -27.30 32.63 9.74
CA GLU B 117 -26.32 33.32 10.59
C GLU B 117 -26.69 33.20 12.07
N GLY B 118 -27.91 32.77 12.35
CA GLY B 118 -28.33 32.46 13.72
C GLY B 118 -27.68 31.20 14.29
N ALA B 119 -27.07 30.40 13.42
CA ALA B 119 -26.88 28.99 13.68
C ALA B 119 -26.06 28.77 14.96
N LEU B 120 -26.54 27.86 15.81
CA LEU B 120 -25.83 27.48 17.02
C LEU B 120 -24.62 26.61 16.67
N PRO B 121 -23.59 26.66 17.52
CA PRO B 121 -22.47 25.72 17.40
C PRO B 121 -22.92 24.28 17.56
N GLY B 122 -22.50 23.43 16.63
CA GLY B 122 -22.99 22.06 16.57
C GLY B 122 -23.99 21.84 15.44
N THR B 123 -24.28 22.90 14.70
CA THR B 123 -25.25 22.83 13.62
C THR B 123 -24.60 22.32 12.34
N SER B 124 -25.18 21.28 11.75
CA SER B 124 -24.67 20.73 10.49
C SER B 124 -24.94 21.67 9.33
N VAL B 125 -23.91 21.92 8.53
CA VAL B 125 -24.05 22.77 7.36
C VAL B 125 -24.22 21.95 6.09
N MET B 126 -23.30 21.01 5.88
CA MET B 126 -23.16 20.38 4.57
C MET B 126 -22.25 19.17 4.68
N GLU B 127 -22.10 18.45 3.57
CA GLU B 127 -21.37 17.18 3.57
C GLU B 127 -20.53 17.07 2.31
N VAL B 128 -19.24 16.79 2.49
CA VAL B 128 -18.39 16.45 1.35
C VAL B 128 -18.14 14.95 1.33
N THR B 129 -17.67 14.46 0.19
CA THR B 129 -17.62 13.01 -0.04
C THR B 129 -16.51 12.66 -1.02
N ALA B 130 -15.68 11.71 -0.64
CA ALA B 130 -14.64 11.19 -1.51
C ALA B 130 -14.77 9.67 -1.67
N THR B 131 -14.24 9.15 -2.77
CA THR B 131 -14.07 7.71 -2.94
C THR B 131 -12.60 7.36 -3.05
N ASP B 132 -12.30 6.07 -2.92
CA ASP B 132 -10.94 5.56 -3.10
C ASP B 132 -11.02 4.18 -3.74
N ALA B 133 -10.25 3.98 -4.81
CA ALA B 133 -10.44 2.80 -5.65
C ALA B 133 -9.75 1.57 -5.07
N ASP B 134 -8.98 1.76 -4.00
CA ASP B 134 -8.23 0.65 -3.42
C ASP B 134 -9.15 -0.26 -2.58
N ASP B 135 -8.56 -1.26 -1.95
CA ASP B 135 -9.33 -2.39 -1.42
C ASP B 135 -9.97 -2.07 -0.06
N ASP B 136 -11.25 -1.72 -0.08
CA ASP B 136 -11.90 -1.23 1.12
C ASP B 136 -12.43 -2.37 1.98
N VAL B 137 -12.41 -3.57 1.45
CA VAL B 137 -12.92 -4.73 2.20
C VAL B 137 -11.81 -5.35 3.05
N ASN B 138 -10.62 -5.51 2.47
CA ASN B 138 -9.54 -6.24 3.12
C ASN B 138 -8.50 -5.34 3.78
N THR B 139 -8.39 -4.10 3.31
CA THR B 139 -7.31 -3.23 3.76
C THR B 139 -7.85 -1.92 4.33
N TYR B 140 -6.94 -1.06 4.75
CA TYR B 140 -7.29 0.30 5.14
C TYR B 140 -6.95 1.28 4.03
N ASN B 141 -6.58 0.74 2.86
CA ASN B 141 -6.01 1.55 1.80
C ASN B 141 -7.04 2.49 1.18
N ALA B 142 -8.29 2.29 1.56
CA ALA B 142 -9.39 3.12 1.08
C ALA B 142 -10.18 3.68 2.26
N ALA B 143 -9.53 3.72 3.42
CA ALA B 143 -10.18 4.14 4.65
C ALA B 143 -9.94 5.64 4.86
N ILE B 144 -10.95 6.44 4.51
CA ILE B 144 -10.75 7.86 4.31
C ILE B 144 -11.12 8.63 5.56
N ALA B 145 -10.25 9.58 5.94
CA ALA B 145 -10.58 10.57 6.96
C ALA B 145 -10.57 11.96 6.38
N TYR B 146 -11.58 12.75 6.74
CA TYR B 146 -11.74 14.11 6.24
C TYR B 146 -11.15 15.12 7.24
N THR B 147 -10.58 16.19 6.71
CA THR B 147 -10.10 17.30 7.53
C THR B 147 -10.28 18.60 6.77
N ILE B 148 -10.33 19.71 7.50
CA ILE B 148 -10.29 21.03 6.88
C ILE B 148 -8.89 21.61 6.94
N LEU B 149 -8.45 22.20 5.83
CA LEU B 149 -7.06 22.65 5.72
C LEU B 149 -6.97 24.17 5.88
N SER B 150 -8.03 24.87 5.48
CA SER B 150 -7.98 26.32 5.41
C SER B 150 -9.38 26.92 5.27
N GLN B 151 -9.50 28.19 5.65
CA GLN B 151 -10.75 28.91 5.57
C GLN B 151 -10.51 30.35 5.12
N ASP B 152 -11.26 30.79 4.12
CA ASP B 152 -11.26 32.20 3.70
C ASP B 152 -12.67 32.76 3.70
N PRO B 153 -12.84 33.92 4.30
CA PRO B 153 -11.77 34.59 5.03
C PRO B 153 -11.61 34.00 6.43
N GLU B 154 -10.61 34.51 7.16
CA GLU B 154 -10.35 34.03 8.52
C GLU B 154 -11.03 34.91 9.56
N LEU B 155 -12.29 35.24 9.31
CA LEU B 155 -13.04 36.11 10.21
C LEU B 155 -14.50 35.70 10.25
N PRO B 156 -15.14 35.90 11.40
CA PRO B 156 -14.55 36.65 12.50
C PRO B 156 -13.62 35.81 13.36
N ASP B 157 -13.52 34.52 13.07
CA ASP B 157 -12.45 33.69 13.59
C ASP B 157 -11.84 32.82 12.50
N LYS B 158 -10.66 32.28 12.80
CA LYS B 158 -9.92 31.45 11.86
C LYS B 158 -10.66 30.13 11.58
N ASN B 159 -11.33 29.59 12.59
CA ASN B 159 -11.95 28.28 12.49
C ASN B 159 -13.44 28.33 12.82
N MET B 160 -14.25 28.77 11.86
CA MET B 160 -15.70 28.89 12.08
C MET B 160 -16.37 27.52 12.02
N PHE B 161 -15.70 26.57 11.39
CA PHE B 161 -16.29 25.27 11.09
C PHE B 161 -15.37 24.15 11.54
N THR B 162 -15.95 22.97 11.72
CA THR B 162 -15.19 21.74 11.83
C THR B 162 -15.80 20.68 10.90
N ILE B 163 -15.06 19.61 10.67
CA ILE B 163 -15.56 18.53 9.84
C ILE B 163 -15.44 17.19 10.56
N ASN B 164 -16.53 16.41 10.52
CA ASN B 164 -16.51 15.04 11.01
C ASN B 164 -15.59 14.16 10.17
N ARG B 165 -14.53 13.65 10.79
CA ARG B 165 -13.42 13.07 10.03
C ARG B 165 -13.80 11.74 9.39
N ASN B 166 -14.93 11.18 9.82
CA ASN B 166 -15.43 9.94 9.22
C ASN B 166 -16.47 10.18 8.13
N THR B 167 -17.45 11.04 8.42
CA THR B 167 -18.60 11.19 7.54
C THR B 167 -18.41 12.35 6.55
N GLY B 168 -17.52 13.27 6.89
CA GLY B 168 -17.30 14.46 6.07
C GLY B 168 -18.40 15.50 6.20
N VAL B 169 -19.28 15.33 7.18
CA VAL B 169 -20.25 16.38 7.51
C VAL B 169 -19.56 17.57 8.15
N ILE B 170 -19.75 18.74 7.56
CA ILE B 170 -19.21 19.98 8.09
C ILE B 170 -20.22 20.70 8.97
N SER B 171 -19.76 21.20 10.10
CA SER B 171 -20.63 21.84 11.08
C SER B 171 -20.06 23.18 11.52
N VAL B 172 -20.95 24.08 11.95
CA VAL B 172 -20.55 25.28 12.66
C VAL B 172 -19.99 24.94 14.04
N VAL B 173 -18.87 25.56 14.40
CA VAL B 173 -18.14 25.16 15.58
C VAL B 173 -17.96 26.33 16.55
N THR B 174 -18.45 27.50 16.14
CA THR B 174 -18.24 28.73 16.91
C THR B 174 -19.19 29.80 16.42
N THR B 175 -19.15 30.97 17.08
CA THR B 175 -20.23 31.94 16.96
C THR B 175 -19.79 33.11 16.08
N GLY B 176 -20.75 33.94 15.66
CA GLY B 176 -20.44 35.23 15.07
C GLY B 176 -20.57 35.25 13.55
N LEU B 177 -21.40 34.37 13.01
CA LEU B 177 -21.77 34.43 11.61
C LEU B 177 -22.66 35.63 11.34
N ASP B 178 -22.37 36.36 10.27
CA ASP B 178 -23.22 37.46 9.85
C ASP B 178 -23.13 37.67 8.33
N ARG B 179 -24.25 37.52 7.64
CA ARG B 179 -24.27 37.66 6.19
C ARG B 179 -23.64 38.98 5.77
N GLU B 180 -24.03 40.05 6.46
CA GLU B 180 -23.71 41.40 6.01
C GLU B 180 -22.21 41.64 6.01
N SER B 181 -21.52 41.01 6.96
CA SER B 181 -20.10 41.27 7.16
C SER B 181 -19.25 40.27 6.37
N PHE B 182 -19.63 39.00 6.42
CA PHE B 182 -19.00 37.98 5.58
C PHE B 182 -20.02 36.95 5.10
N PRO B 183 -20.40 37.04 3.83
CA PRO B 183 -21.49 36.22 3.31
C PRO B 183 -21.02 34.87 2.77
N THR B 184 -19.70 34.73 2.61
CA THR B 184 -19.13 33.59 1.91
C THR B 184 -17.88 33.08 2.62
N TYR B 185 -17.84 31.78 2.88
CA TYR B 185 -16.61 31.13 3.30
C TYR B 185 -16.15 30.10 2.27
N THR B 186 -14.84 30.06 2.06
CA THR B 186 -14.24 29.07 1.17
C THR B 186 -13.28 28.19 1.95
N LEU B 187 -13.70 26.95 2.22
CA LEU B 187 -12.84 25.98 2.88
C LEU B 187 -12.16 25.07 1.86
N VAL B 188 -10.86 24.83 2.06
CA VAL B 188 -10.20 23.69 1.46
C VAL B 188 -10.33 22.48 2.37
N VAL B 189 -10.93 21.42 1.83
CA VAL B 189 -11.08 20.17 2.56
C VAL B 189 -10.13 19.11 1.99
N GLN B 190 -9.74 18.17 2.85
CA GLN B 190 -8.84 17.11 2.44
C GLN B 190 -9.43 15.75 2.77
N ALA B 191 -9.18 14.78 1.89
CA ALA B 191 -9.46 13.39 2.18
C ALA B 191 -8.17 12.57 2.10
N ALA B 192 -7.87 11.83 3.15
CA ALA B 192 -6.67 10.99 3.18
C ALA B 192 -7.03 9.57 3.60
N ASP B 193 -6.43 8.59 2.93
CA ASP B 193 -6.67 7.19 3.25
C ASP B 193 -5.70 6.72 4.34
N LEU B 194 -5.69 5.42 4.60
CA LEU B 194 -5.12 4.88 5.85
C LEU B 194 -5.62 5.67 7.05
N GLN B 195 -6.93 5.95 7.08
CA GLN B 195 -7.55 6.58 8.24
C GLN B 195 -6.89 7.92 8.54
N GLY B 196 -6.41 8.59 7.50
CA GLY B 196 -5.93 9.96 7.62
C GLY B 196 -4.43 10.08 7.39
N GLU B 197 -3.72 8.96 7.54
CA GLU B 197 -2.26 8.99 7.59
C GLU B 197 -1.65 8.80 6.20
N GLY B 198 -2.50 8.60 5.19
CA GLY B 198 -2.07 8.02 3.93
C GLY B 198 -2.09 9.00 2.78
N LEU B 199 -2.32 8.51 1.57
CA LEU B 199 -2.43 9.37 0.40
C LEU B 199 -3.63 10.29 0.51
N SER B 200 -3.52 11.48 -0.10
CA SER B 200 -4.49 12.54 0.16
C SER B 200 -4.82 13.34 -1.09
N THR B 201 -5.90 14.12 -0.99
CA THR B 201 -6.37 14.95 -2.09
C THR B 201 -7.22 16.06 -1.49
N THR B 202 -7.43 17.14 -2.23
CA THR B 202 -8.14 18.30 -1.73
C THR B 202 -9.27 18.71 -2.65
N ALA B 203 -10.33 19.24 -2.07
CA ALA B 203 -11.35 19.94 -2.81
C ALA B 203 -11.72 21.23 -2.08
N THR B 204 -12.78 21.89 -2.54
CA THR B 204 -13.20 23.16 -1.96
C THR B 204 -14.67 23.06 -1.53
N ALA B 205 -14.97 23.60 -0.36
CA ALA B 205 -16.36 23.79 0.06
C ALA B 205 -16.67 25.27 0.18
N VAL B 206 -17.75 25.69 -0.45
CA VAL B 206 -18.16 27.09 -0.46
C VAL B 206 -19.46 27.26 0.30
N ILE B 207 -19.39 27.94 1.44
CA ILE B 207 -20.54 28.06 2.31
C ILE B 207 -21.10 29.47 2.31
N THR B 208 -22.39 29.57 2.03
CA THR B 208 -23.08 30.85 1.99
C THR B 208 -23.80 31.08 3.30
N VAL B 209 -23.61 32.27 3.87
CA VAL B 209 -24.36 32.68 5.06
C VAL B 209 -25.65 33.37 4.66
N THR B 210 -26.76 32.83 5.14
CA THR B 210 -28.08 33.37 4.82
C THR B 210 -28.73 33.96 6.06
N ASP B 211 -29.78 34.75 5.85
CA ASP B 211 -30.64 35.17 6.95
C ASP B 211 -31.84 34.24 7.09
CA CA C . 7.25 3.30 2.50
CA CA D . 5.44 -2.54 5.03
CA CA E . 4.27 -3.16 8.80
C1 4RL F . 0.20 -18.72 -3.69
C2 4RL F . -0.77 -18.17 -1.19
C3 4RL F . -1.70 -18.35 -2.20
C4 4RL F . 0.88 -17.73 -2.99
N5 4RL F . 3.96 -16.03 -3.39
O6 4RL F . 6.36 -14.36 -2.43
C7 4RL F . 2.91 -16.63 -3.98
C8 4RL F . -4.50 -16.41 0.58
C9 4RL F . -3.66 -17.63 0.21
C10 4RL F . -4.66 -16.31 2.10
C13 4RL F . -1.87 -23.73 -2.94
C14 4RL F . -1.87 -22.60 -3.75
C15 4RL F . -1.75 -21.34 -3.17
C16 4RL F . -1.64 -21.21 -1.79
C17 4RL F . -1.66 -22.34 -0.98
C20 4RL F . 6.16 -14.94 -3.50
C21 4RL F . 4.09 -13.63 -3.96
C22 4RL F . 5.03 -12.68 -3.20
C23 4RL F . 2.78 -13.76 -3.19
C24 4RL F . 6.09 -12.15 -4.16
C27 4RL F . 8.58 -14.27 -2.67
C28 4RL F . 9.47 -14.95 -4.89
C26 4RL F . 8.91 -16.69 -3.20
C25 4RL F . 8.51 -15.32 -3.77
N6 4RL F . 7.14 -15.38 -4.30
C19 4RL F . 4.75 -15.01 -4.10
O3 4RL F . 2.51 -16.36 -5.11
C5 4RL F . 2.39 -17.86 -3.24
O1 4RL F . 0.74 -19.31 -4.63
N1 4RL F . 0.55 -17.90 -1.56
O2 4RL F . -1.09 -18.32 -0.01
C6 4RL F . -2.92 -19.08 -1.64
N3 4RL F . -3.82 -18.08 -1.05
O4 4RL F . -2.89 -18.14 1.03
N4 4RL F . -5.82 -16.51 -0.08
C18 4RL F . -4.71 -14.85 2.54
O5 4RL F . -5.83 -14.29 2.54
O7 4RL F . -3.65 -14.36 2.99
N2 4RL F . -1.03 -19.09 -3.29
C11 4RL F . -1.74 -20.20 -3.97
C12 4RL F . -1.78 -23.60 -1.56
CA CA G . -5.98 4.63 -1.47
CA CA H . -4.56 -0.56 -5.34
CA CA I . -3.48 -0.32 -9.15
C1 4RL J . -1.62 -19.95 -1.50
C2 4RL J . -0.57 -18.16 -3.27
C3 4RL J . 0.33 -19.04 -2.67
C4 4RL J . -2.10 -18.65 -1.39
N5 4RL J . -4.45 -16.39 -0.92
O6 4RL J . -6.98 -15.65 -1.47
C7 4RL J . -3.98 -17.45 -0.25
C8 4RL J . 4.24 -17.02 -3.67
C9 4RL J . 2.92 -17.65 -4.10
C10 4RL J . 5.28 -17.18 -4.79
C13 4RL J . -1.29 -24.10 -4.63
C14 4RL J . -0.63 -23.52 -3.55
C15 4RL J . -0.62 -22.13 -3.40
C16 4RL J . -1.27 -21.33 -4.33
C17 4RL J . -1.93 -21.92 -5.41
C20 4RL J . -6.42 -14.95 -0.62
C21 4RL J . -4.14 -13.98 -0.53
C22 4RL J . -2.85 -13.99 0.28
C23 4RL J . -4.95 -12.72 -0.17
C24 4RL J . -1.82 -13.07 -0.36
C27 4RL J . -8.51 -12.01 -0.57
C28 4RL J . -9.29 -14.04 0.65
C26 4RL J . -8.71 -14.19 -1.77
C25 4RL J . -8.35 -13.52 -0.44
N6 4RL J . -6.96 -13.84 -0.09
C19 4RL J . -4.97 -15.21 -0.21
O3 4RL J . -3.95 -17.53 0.98
C5 4RL J . -3.60 -18.66 -1.12
O1 4RL J . -2.27 -20.90 -1.08
N1 4RL J . -1.79 -17.94 -2.64
O2 4RL J . -0.36 -17.73 -4.40
C6 4RL J . 1.35 -19.51 -3.71
N3 4RL J . 2.62 -18.81 -3.49
O4 4RL J . 2.19 -17.10 -4.93
N4 4RL J . 4.69 -17.64 -2.43
C18 4RL J . 5.02 -16.13 -5.88
O5 4RL J . 5.72 -15.09 -5.82
O7 4RL J . 4.10 -16.36 -6.68
N2 4RL J . -0.44 -20.17 -2.11
C11 4RL J . 0.03 -21.57 -2.31
C12 4RL J . -1.93 -23.29 -5.56
#